data_3I8N
#
_entry.id   3I8N
#
_cell.length_a   69.301
_cell.length_b   69.301
_cell.length_c   255.136
_cell.angle_alpha   90.00
_cell.angle_beta   90.00
_cell.angle_gamma   120.00
#
_symmetry.space_group_name_H-M   'P 65 2 2'
#
loop_
_entity.id
_entity.type
_entity.pdbx_description
1 polymer 'uncharacterized protein VP2912'
2 non-polymer 'FORMIC ACID'
3 water water
#
_entity_poly.entity_id   1
_entity_poly.type   'polypeptide(L)'
_entity_poly.pdbx_seq_one_letter_code
;SNAQDVPVTQV(MSE)TPRPVVFRVDAT(MSE)TINEFLDKHKDTPFSRPLVYSEQKDNIIGFVHRLELFK(MSE)QQSG
SGQKQLGAV(MSE)RPIQVVLNNTALPKVFDQ(MSE)(MSE)THRLQLALVVDEYGTVLGLVTLEDIFEHLVGE
;
_entity_poly.pdbx_strand_id   A,B
#
# COMPACT_ATOMS: atom_id res chain seq x y z
N PRO A 7 10.81 -11.00 7.86
CA PRO A 7 12.05 -10.98 7.08
C PRO A 7 11.81 -11.06 5.57
N VAL A 8 12.34 -10.09 4.82
CA VAL A 8 12.29 -10.12 3.36
C VAL A 8 13.66 -9.81 2.76
N THR A 9 14.08 -8.54 2.84
CA THR A 9 15.36 -8.10 2.33
C THR A 9 16.49 -8.97 2.88
N GLN A 10 16.20 -9.62 3.99
CA GLN A 10 17.19 -10.39 4.73
C GLN A 10 17.42 -11.75 4.09
N VAL A 11 16.62 -12.08 3.07
CA VAL A 11 16.74 -13.35 2.37
C VAL A 11 16.46 -13.22 0.88
N THR A 13 16.46 -9.85 -1.92
CA THR A 13 16.65 -8.41 -2.07
C THR A 13 15.61 -7.85 -3.03
N PRO A 14 14.91 -6.79 -2.61
CA PRO A 14 13.93 -6.13 -3.48
C PRO A 14 14.61 -5.65 -4.77
N ARG A 15 13.92 -5.77 -5.89
CA ARG A 15 14.45 -5.29 -7.15
C ARG A 15 14.24 -3.80 -7.25
N PRO A 16 15.16 -3.09 -7.93
CA PRO A 16 15.10 -1.64 -8.14
C PRO A 16 13.95 -1.28 -9.06
N VAL A 17 13.33 -0.12 -8.83
CA VAL A 17 12.34 0.37 -9.77
C VAL A 17 13.07 1.03 -10.94
N VAL A 18 13.01 0.41 -12.11
CA VAL A 18 13.77 0.88 -13.27
C VAL A 18 12.88 1.34 -14.43
N PHE A 19 11.64 0.89 -14.43
CA PHE A 19 10.71 1.20 -15.51
C PHE A 19 9.46 1.88 -14.96
N ARG A 20 9.43 3.21 -15.11
CA ARG A 20 8.34 4.05 -14.62
C ARG A 20 7.68 4.79 -15.78
N VAL A 21 6.35 4.81 -15.77
CA VAL A 21 5.61 5.54 -16.78
C VAL A 21 4.56 6.43 -16.13
N ASP A 22 4.30 7.54 -16.79
CA ASP A 22 3.41 8.58 -16.32
C ASP A 22 1.97 8.11 -16.40
N ALA A 23 1.21 8.36 -15.34
CA ALA A 23 -0.21 8.01 -15.30
C ALA A 23 -1.00 8.70 -16.41
N THR A 24 -0.53 9.87 -16.86
CA THR A 24 -1.25 10.61 -17.90
C THR A 24 -0.92 10.09 -19.30
N THR A 26 -1.00 7.73 -22.40
CA THR A 26 -2.12 6.98 -22.94
C THR A 26 -1.69 5.54 -23.27
N ILE A 27 -2.66 4.64 -23.35
CA ILE A 27 -2.39 3.26 -23.68
C ILE A 27 -1.70 3.15 -25.04
N ASN A 28 -2.19 3.93 -26.01
CA ASN A 28 -1.58 3.95 -27.35
C ASN A 28 -0.12 4.35 -27.28
N GLU A 29 0.16 5.45 -26.59
CA GLU A 29 1.53 5.93 -26.39
C GLU A 29 2.40 4.86 -25.73
N PHE A 30 1.85 4.19 -24.72
CA PHE A 30 2.63 3.18 -24.00
C PHE A 30 3.02 2.02 -24.92
N LEU A 31 2.03 1.43 -25.57
CA LEU A 31 2.26 0.33 -26.49
C LEU A 31 3.18 0.78 -27.64
N ASP A 32 3.11 2.07 -27.96
CA ASP A 32 3.96 2.66 -28.97
C ASP A 32 5.42 2.69 -28.54
N LYS A 33 5.69 3.42 -27.46
CA LYS A 33 7.06 3.62 -27.01
C LYS A 33 7.74 2.36 -26.49
N HIS A 34 6.95 1.37 -26.03
CA HIS A 34 7.56 0.26 -25.32
C HIS A 34 7.32 -1.11 -25.91
N LYS A 35 7.05 -1.17 -27.21
CA LYS A 35 6.96 -2.43 -27.90
C LYS A 35 8.25 -3.24 -27.71
N ASP A 36 8.09 -4.52 -27.44
CA ASP A 36 9.21 -5.45 -27.28
C ASP A 36 10.11 -5.10 -26.09
N THR A 37 9.56 -4.35 -25.15
CA THR A 37 10.31 -3.96 -23.96
C THR A 37 10.74 -5.18 -23.15
N PRO A 38 12.00 -5.19 -22.71
CA PRO A 38 12.53 -6.27 -21.86
C PRO A 38 11.95 -6.24 -20.45
N PHE A 39 11.33 -5.12 -20.07
CA PHE A 39 10.90 -4.90 -18.70
C PHE A 39 9.47 -5.37 -18.47
N SER A 40 9.30 -6.26 -17.50
CA SER A 40 8.00 -6.87 -17.24
C SER A 40 7.21 -6.20 -16.13
N ARG A 41 7.88 -5.38 -15.31
CA ARG A 41 7.21 -4.72 -14.18
C ARG A 41 7.07 -3.20 -14.30
N PRO A 42 6.30 -2.73 -15.29
CA PRO A 42 6.19 -1.28 -15.48
C PRO A 42 5.39 -0.63 -14.35
N LEU A 43 6.05 0.22 -13.56
CA LEU A 43 5.37 1.00 -12.53
C LEU A 43 4.81 2.30 -13.09
N VAL A 44 3.65 2.71 -12.59
CA VAL A 44 3.04 3.97 -12.97
C VAL A 44 3.28 5.01 -11.89
N TYR A 45 3.76 6.19 -12.28
CA TYR A 45 3.92 7.28 -11.32
C TYR A 45 2.89 8.39 -11.57
N SER A 46 2.57 9.14 -10.53
CA SER A 46 1.55 10.18 -10.65
C SER A 46 2.15 11.51 -11.14
N GLU A 47 2.78 12.26 -10.25
CA GLU A 47 3.35 13.55 -10.70
C GLU A 47 4.87 13.58 -10.66
N GLN A 48 5.44 13.08 -9.59
CA GLN A 48 6.88 12.90 -9.46
C GLN A 48 7.20 11.45 -9.82
N LYS A 49 8.35 11.22 -10.44
CA LYS A 49 8.72 9.85 -10.83
C LYS A 49 8.85 8.96 -9.60
N ASP A 50 9.10 9.62 -8.46
CA ASP A 50 9.17 9.02 -7.14
C ASP A 50 7.81 8.57 -6.59
N ASN A 51 6.72 8.97 -7.22
CA ASN A 51 5.38 8.79 -6.66
C ASN A 51 4.61 7.68 -7.35
N ILE A 52 5.01 6.45 -7.05
CA ILE A 52 4.38 5.26 -7.62
C ILE A 52 2.97 5.01 -7.07
N ILE A 53 2.00 4.92 -7.98
CA ILE A 53 0.60 4.74 -7.59
C ILE A 53 0.00 3.46 -8.18
N GLY A 54 0.74 2.78 -9.05
CA GLY A 54 0.21 1.58 -9.66
C GLY A 54 1.17 0.86 -10.59
N PHE A 55 0.69 -0.21 -11.21
CA PHE A 55 1.46 -0.91 -12.22
C PHE A 55 0.56 -1.41 -13.35
N VAL A 56 1.16 -1.76 -14.48
CA VAL A 56 0.38 -2.23 -15.61
C VAL A 56 0.94 -3.54 -16.16
N HIS A 57 0.12 -4.24 -16.93
CA HIS A 57 0.57 -5.43 -17.65
C HIS A 57 0.31 -5.20 -19.12
N ARG A 58 1.37 -5.33 -19.92
CA ARG A 58 1.32 -5.06 -21.35
C ARG A 58 0.24 -5.84 -22.09
N LEU A 59 0.03 -7.11 -21.75
CA LEU A 59 -1.01 -7.91 -22.39
C LEU A 59 -2.38 -7.31 -22.14
N GLU A 60 -2.65 -7.01 -20.87
CA GLU A 60 -3.88 -6.38 -20.45
C GLU A 60 -4.11 -5.06 -21.20
N LEU A 61 -3.07 -4.24 -21.32
CA LEU A 61 -3.19 -2.95 -22.01
C LEU A 61 -3.50 -3.15 -23.48
N PHE A 62 -2.86 -4.14 -24.09
CA PHE A 62 -3.05 -4.40 -25.50
C PHE A 62 -4.49 -4.80 -25.76
N LYS A 63 -5.03 -5.63 -24.87
CA LYS A 63 -6.43 -6.06 -24.98
C LYS A 63 -7.38 -4.86 -24.94
N GLN A 65 -6.63 -1.80 -25.74
CA GLN A 65 -6.43 -1.08 -26.98
C GLN A 65 -7.27 -1.69 -28.09
N GLN A 66 -7.19 -3.01 -28.24
CA GLN A 66 -7.95 -3.71 -29.27
C GLN A 66 -9.44 -3.53 -29.05
N SER A 67 -9.81 -3.12 -27.84
CA SER A 67 -11.21 -2.89 -27.49
C SER A 67 -11.58 -1.43 -27.68
N GLY A 68 -10.70 -0.68 -28.35
CA GLY A 68 -10.96 0.72 -28.62
C GLY A 68 -10.72 1.64 -27.44
N SER A 69 -10.02 1.14 -26.43
CA SER A 69 -9.71 1.93 -25.24
C SER A 69 -8.30 2.50 -25.27
N GLY A 70 -7.71 2.58 -26.46
CA GLY A 70 -6.32 3.01 -26.60
C GLY A 70 -6.02 4.44 -26.18
N GLN A 71 -7.06 5.25 -26.06
CA GLN A 71 -6.89 6.66 -25.72
C GLN A 71 -6.98 6.87 -24.21
N LYS A 72 -7.34 5.83 -23.48
CA LYS A 72 -7.42 5.91 -22.02
C LYS A 72 -6.04 6.12 -21.39
N GLN A 73 -6.01 6.82 -20.27
CA GLN A 73 -4.76 7.04 -19.55
C GLN A 73 -4.44 5.85 -18.64
N LEU A 74 -3.15 5.57 -18.50
CA LEU A 74 -2.67 4.50 -17.63
C LEU A 74 -3.27 4.59 -16.24
N GLY A 75 -3.29 5.79 -15.67
CA GLY A 75 -3.79 6.00 -14.33
C GLY A 75 -5.20 5.48 -14.11
N ALA A 76 -6.00 5.52 -15.18
CA ALA A 76 -7.41 5.12 -15.09
C ALA A 76 -7.61 3.62 -15.23
N VAL A 77 -6.58 2.90 -15.66
CA VAL A 77 -6.74 1.48 -15.93
C VAL A 77 -5.73 0.60 -15.19
N ARG A 79 -3.47 -1.25 -12.20
CA ARG A 79 -3.77 -1.90 -10.94
C ARG A 79 -3.13 -1.05 -9.84
N PRO A 80 -3.86 -0.80 -8.76
CA PRO A 80 -3.36 0.12 -7.72
C PRO A 80 -2.13 -0.46 -7.04
N ILE A 81 -1.17 0.38 -6.65
CA ILE A 81 0.04 -0.10 -5.99
C ILE A 81 -0.21 -0.60 -4.56
N GLN A 82 0.39 -1.73 -4.23
CA GLN A 82 0.32 -2.28 -2.88
C GLN A 82 1.70 -2.37 -2.28
N VAL A 83 1.77 -2.16 -0.97
CA VAL A 83 3.02 -2.21 -0.24
C VAL A 83 3.09 -3.44 0.69
N VAL A 84 4.28 -4.02 0.78
CA VAL A 84 4.58 -5.06 1.76
CA VAL A 84 4.57 -5.05 1.76
C VAL A 84 5.76 -4.64 2.62
N LEU A 85 5.69 -4.94 3.91
CA LEU A 85 6.76 -4.58 4.83
C LEU A 85 7.97 -5.51 4.72
N ASN A 86 9.14 -4.92 4.86
CA ASN A 86 10.41 -5.64 4.83
C ASN A 86 10.46 -6.77 5.86
N ASN A 87 9.92 -6.51 7.04
CA ASN A 87 9.95 -7.48 8.14
C ASN A 87 8.75 -8.43 8.18
N THR A 88 8.19 -8.74 7.02
CA THR A 88 7.10 -9.72 6.98
C THR A 88 7.61 -11.06 6.49
N ALA A 89 7.16 -12.14 7.14
CA ALA A 89 7.56 -13.48 6.76
C ALA A 89 7.14 -13.79 5.32
N LEU A 90 8.06 -14.35 4.55
CA LEU A 90 7.84 -14.69 3.13
C LEU A 90 6.61 -15.59 2.87
N PRO A 91 6.44 -16.67 3.65
CA PRO A 91 5.24 -17.48 3.45
C PRO A 91 3.97 -16.64 3.59
N LYS A 92 3.94 -15.73 4.55
CA LYS A 92 2.80 -14.84 4.75
C LYS A 92 2.62 -13.88 3.56
N VAL A 93 3.70 -13.26 3.12
CA VAL A 93 3.63 -12.40 1.96
C VAL A 93 3.07 -13.18 0.77
N PHE A 94 3.60 -14.39 0.58
CA PHE A 94 3.13 -15.24 -0.51
C PHE A 94 1.63 -15.51 -0.41
N ASP A 95 1.20 -15.95 0.77
CA ASP A 95 -0.19 -16.28 1.02
C ASP A 95 -1.08 -15.08 0.68
N GLN A 96 -0.68 -13.91 1.15
CA GLN A 96 -1.42 -12.68 0.89
C GLN A 96 -1.50 -12.30 -0.60
N THR A 99 -3.58 -14.92 -2.54
CA THR A 99 -4.98 -14.77 -2.17
C THR A 99 -5.62 -13.55 -2.84
N HIS A 100 -4.84 -12.50 -3.04
CA HIS A 100 -5.36 -11.26 -3.61
C HIS A 100 -5.08 -11.13 -5.11
N ARG A 101 -4.38 -12.13 -5.68
CA ARG A 101 -4.00 -12.11 -7.10
C ARG A 101 -3.11 -10.91 -7.42
N LEU A 102 -2.28 -10.55 -6.46
CA LEU A 102 -1.40 -9.40 -6.58
C LEU A 102 -0.07 -9.85 -7.20
N GLN A 103 0.26 -9.30 -8.37
CA GLN A 103 1.42 -9.75 -9.15
C GLN A 103 2.73 -9.14 -8.69
N LEU A 104 2.65 -7.95 -8.10
CA LEU A 104 3.83 -7.29 -7.57
C LEU A 104 3.51 -6.32 -6.46
N ALA A 105 4.51 -6.01 -5.64
CA ALA A 105 4.38 -5.08 -4.54
C ALA A 105 5.67 -4.32 -4.31
N LEU A 106 5.52 -3.09 -3.83
CA LEU A 106 6.64 -2.32 -3.33
C LEU A 106 7.01 -2.87 -1.97
N VAL A 107 8.31 -2.98 -1.72
CA VAL A 107 8.81 -3.33 -0.40
C VAL A 107 9.20 -2.08 0.37
N VAL A 108 8.65 -1.92 1.56
CA VAL A 108 8.96 -0.77 2.39
CA VAL A 108 8.91 -0.76 2.40
C VAL A 108 9.51 -1.19 3.74
N ASP A 109 10.46 -0.41 4.26
CA ASP A 109 11.06 -0.72 5.55
C ASP A 109 10.39 0.03 6.69
N GLU A 110 10.95 -0.03 7.89
CA GLU A 110 10.28 0.56 9.05
C GLU A 110 10.50 2.06 9.16
N TYR A 111 11.13 2.66 8.17
CA TYR A 111 11.30 4.11 8.17
C TYR A 111 10.45 4.72 7.07
N GLY A 112 9.64 3.88 6.44
CA GLY A 112 8.80 4.30 5.33
C GLY A 112 9.57 4.38 4.01
N THR A 113 10.82 3.93 4.01
CA THR A 113 11.60 4.01 2.79
C THR A 113 11.27 2.87 1.84
N VAL A 114 11.02 3.22 0.59
CA VAL A 114 10.81 2.23 -0.46
C VAL A 114 12.13 1.56 -0.83
N LEU A 115 12.25 0.27 -0.53
CA LEU A 115 13.50 -0.47 -0.79
C LEU A 115 13.62 -0.96 -2.24
N GLY A 116 12.47 -1.11 -2.89
CA GLY A 116 12.42 -1.77 -4.19
C GLY A 116 11.08 -2.48 -4.33
N LEU A 117 11.00 -3.47 -5.22
CA LEU A 117 9.74 -4.13 -5.50
C LEU A 117 9.93 -5.65 -5.45
N VAL A 118 8.85 -6.38 -5.17
CA VAL A 118 8.86 -7.84 -5.29
C VAL A 118 7.71 -8.31 -6.15
N THR A 119 7.87 -9.48 -6.75
CA THR A 119 6.81 -10.03 -7.55
C THR A 119 6.40 -11.37 -6.97
N LEU A 120 5.17 -11.75 -7.26
CA LEU A 120 4.64 -12.99 -6.73
C LEU A 120 5.47 -14.16 -7.24
N GLU A 121 5.86 -14.11 -8.52
CA GLU A 121 6.72 -15.15 -9.07
C GLU A 121 8.09 -15.16 -8.39
N ASP A 122 8.60 -13.99 -8.03
CA ASP A 122 9.88 -13.94 -7.33
C ASP A 122 9.74 -14.67 -5.99
N ILE A 123 8.67 -14.36 -5.27
CA ILE A 123 8.38 -15.04 -4.00
C ILE A 123 8.24 -16.55 -4.21
N PHE A 124 7.42 -16.92 -5.19
CA PHE A 124 7.26 -18.33 -5.52
C PHE A 124 8.61 -18.99 -5.70
N GLU A 125 9.44 -18.39 -6.55
CA GLU A 125 10.74 -18.96 -6.90
C GLU A 125 11.63 -19.16 -5.68
N HIS A 126 11.59 -18.22 -4.75
CA HIS A 126 12.40 -18.32 -3.56
C HIS A 126 11.90 -19.42 -2.60
N LEU A 127 10.59 -19.43 -2.35
CA LEU A 127 9.99 -20.42 -1.45
C LEU A 127 10.25 -21.82 -1.96
N VAL A 128 9.93 -22.02 -3.23
CA VAL A 128 10.12 -23.30 -3.89
C VAL A 128 11.57 -23.82 -3.80
N GLY A 129 12.52 -22.90 -3.65
CA GLY A 129 13.91 -23.29 -3.48
C GLY A 129 14.23 -23.63 -2.04
N GLU A 130 13.22 -24.04 -1.28
CA GLU A 130 13.40 -24.37 0.13
C GLU A 130 12.64 -25.65 0.51
N ALA B 3 -21.53 14.90 -10.16
CA ALA B 3 -20.75 14.12 -11.13
C ALA B 3 -21.21 12.67 -11.15
N GLN B 4 -20.94 11.96 -10.06
CA GLN B 4 -21.32 10.55 -9.94
C GLN B 4 -21.65 10.22 -8.49
N ASP B 5 -20.67 10.36 -7.62
CA ASP B 5 -20.86 10.19 -6.19
C ASP B 5 -20.00 11.18 -5.40
N VAL B 6 -19.91 11.00 -4.10
CA VAL B 6 -19.11 11.88 -3.25
C VAL B 6 -17.66 11.43 -3.21
N PRO B 7 -16.74 12.36 -2.88
CA PRO B 7 -15.30 12.06 -2.89
C PRO B 7 -14.91 11.27 -1.66
N VAL B 8 -13.95 10.36 -1.82
CA VAL B 8 -13.45 9.58 -0.70
C VAL B 8 -13.01 10.52 0.41
N THR B 9 -12.62 11.73 0.01
CA THR B 9 -12.17 12.77 0.93
C THR B 9 -13.23 13.22 1.94
N GLN B 10 -14.50 12.93 1.64
CA GLN B 10 -15.56 13.28 2.59
C GLN B 10 -15.92 12.07 3.47
N VAL B 11 -15.54 10.88 3.02
CA VAL B 11 -15.81 9.67 3.78
C VAL B 11 -14.71 9.42 4.81
N THR B 13 -11.56 10.07 7.60
CA THR B 13 -11.21 10.93 8.72
C THR B 13 -9.98 11.74 8.28
N PRO B 14 -10.07 13.09 8.34
CA PRO B 14 -8.97 13.96 7.89
C PRO B 14 -7.75 13.77 8.77
N ARG B 15 -6.58 13.85 8.15
CA ARG B 15 -5.29 13.70 8.81
C ARG B 15 -5.15 14.41 10.16
N PRO B 16 -5.57 15.69 10.23
CA PRO B 16 -5.41 16.45 11.49
C PRO B 16 -6.07 15.80 12.71
N VAL B 17 -7.13 15.03 12.50
CA VAL B 17 -7.82 14.40 13.63
C VAL B 17 -7.51 12.91 13.73
N VAL B 18 -6.62 12.44 12.87
CA VAL B 18 -6.22 11.04 12.88
C VAL B 18 -5.11 10.79 13.92
N PHE B 19 -5.33 9.82 14.80
CA PHE B 19 -4.35 9.49 15.84
C PHE B 19 -3.21 8.63 15.28
N ARG B 20 -1.97 8.97 15.64
CA ARG B 20 -0.80 8.14 15.31
C ARG B 20 0.29 8.26 16.35
N VAL B 21 1.12 7.22 16.46
CA VAL B 21 2.14 7.15 17.49
CA VAL B 21 2.16 7.17 17.49
C VAL B 21 3.51 6.75 16.92
N ASP B 22 4.57 7.15 17.61
CA ASP B 22 5.94 6.86 17.18
C ASP B 22 6.25 5.37 17.25
N ALA B 23 6.77 4.83 16.15
CA ALA B 23 7.06 3.40 16.05
C ALA B 23 8.15 2.93 17.01
N THR B 24 8.97 3.85 17.50
CA THR B 24 10.09 3.49 18.37
C THR B 24 9.68 3.46 19.83
N THR B 26 8.21 1.84 22.93
CA THR B 26 8.10 0.44 23.34
C THR B 26 6.64 0.11 23.61
N ILE B 27 6.31 -1.17 23.46
CA ILE B 27 4.96 -1.65 23.73
C ILE B 27 4.57 -1.32 25.15
N ASN B 28 5.50 -1.51 26.09
CA ASN B 28 5.22 -1.22 27.51
C ASN B 28 4.81 0.22 27.73
N GLU B 29 5.58 1.15 27.17
CA GLU B 29 5.26 2.56 27.34
C GLU B 29 3.99 2.95 26.60
N PHE B 30 3.79 2.42 25.39
CA PHE B 30 2.57 2.71 24.66
C PHE B 30 1.33 2.24 25.43
N LEU B 31 1.32 0.97 25.82
CA LEU B 31 0.20 0.39 26.56
C LEU B 31 -0.11 1.13 27.86
N ASP B 32 0.93 1.69 28.48
CA ASP B 32 0.76 2.43 29.72
C ASP B 32 0.29 3.86 29.45
N LYS B 33 0.82 4.45 28.38
CA LYS B 33 0.57 5.87 28.10
C LYS B 33 -0.77 6.09 27.43
N HIS B 34 -1.10 5.22 26.47
CA HIS B 34 -2.31 5.38 25.66
C HIS B 34 -3.36 4.31 25.95
N LYS B 35 -4.53 4.75 26.40
CA LYS B 35 -5.64 3.84 26.68
C LYS B 35 -6.67 3.87 25.55
N ASP B 36 -7.14 2.69 25.16
CA ASP B 36 -8.10 2.55 24.08
C ASP B 36 -8.59 1.12 24.09
N THR B 37 -9.56 0.80 23.23
CA THR B 37 -10.28 -0.46 23.29
C THR B 37 -9.48 -1.65 22.76
N PRO B 38 -9.93 -2.88 23.10
CA PRO B 38 -9.18 -4.10 22.77
C PRO B 38 -8.84 -4.26 21.29
N PHE B 39 -9.72 -3.79 20.41
CA PHE B 39 -9.53 -3.98 18.98
C PHE B 39 -9.09 -2.71 18.25
N SER B 40 -8.65 -1.70 18.99
CA SER B 40 -8.18 -0.46 18.37
C SER B 40 -6.95 -0.76 17.52
N ARG B 41 -6.71 0.10 16.54
CA ARG B 41 -5.64 -0.11 15.58
C ARG B 41 -4.92 1.19 15.33
N PRO B 42 -4.16 1.65 16.34
CA PRO B 42 -3.41 2.92 16.28
C PRO B 42 -2.47 2.98 15.06
N LEU B 43 -2.46 4.12 14.41
CA LEU B 43 -1.55 4.37 13.30
C LEU B 43 -0.15 4.63 13.82
N VAL B 44 0.83 4.27 13.02
CA VAL B 44 2.22 4.39 13.43
C VAL B 44 3.01 5.30 12.46
N TYR B 45 3.82 6.19 13.03
CA TYR B 45 4.69 7.04 12.23
C TYR B 45 6.16 6.83 12.59
N SER B 46 7.04 7.08 11.63
CA SER B 46 8.47 6.80 11.83
C SER B 46 9.18 7.92 12.61
N GLU B 47 9.49 9.01 11.93
CA GLU B 47 10.15 10.14 12.59
C GLU B 47 9.27 11.38 12.61
N GLN B 48 8.52 11.58 11.52
CA GLN B 48 7.62 12.70 11.43
C GLN B 48 6.18 12.19 11.60
N LYS B 49 5.36 12.97 12.31
CA LYS B 49 3.96 12.63 12.52
C LYS B 49 3.13 12.47 11.24
N ASP B 50 3.67 12.93 10.12
CA ASP B 50 2.95 12.75 8.86
C ASP B 50 3.50 11.53 8.12
N ASN B 51 4.73 11.15 8.48
CA ASN B 51 5.36 9.96 7.92
C ASN B 51 4.74 8.65 8.45
N ILE B 52 3.48 8.41 8.07
CA ILE B 52 2.71 7.26 8.51
C ILE B 52 3.06 6.02 7.69
N ILE B 53 3.62 5.02 8.35
CA ILE B 53 4.17 3.86 7.65
C ILE B 53 3.46 2.53 7.93
N GLY B 54 2.36 2.58 8.68
CA GLY B 54 1.57 1.39 8.95
C GLY B 54 0.74 1.56 10.20
N PHE B 55 0.35 0.45 10.81
CA PHE B 55 -0.46 0.47 12.03
C PHE B 55 -0.22 -0.83 12.81
N VAL B 56 -0.69 -0.88 14.04
CA VAL B 56 -0.58 -2.07 14.86
C VAL B 56 -1.93 -2.34 15.50
N HIS B 57 -2.15 -3.61 15.87
CA HIS B 57 -3.35 -4.03 16.61
C HIS B 57 -3.05 -3.99 18.10
N ARG B 58 -3.87 -3.29 18.88
CA ARG B 58 -3.65 -3.19 20.32
C ARG B 58 -3.57 -4.58 20.96
N LEU B 59 -4.45 -5.49 20.55
CA LEU B 59 -4.50 -6.82 21.13
C LEU B 59 -3.20 -7.60 20.88
N GLU B 60 -2.61 -7.44 19.70
CA GLU B 60 -1.31 -8.05 19.42
C GLU B 60 -0.20 -7.41 20.24
N LEU B 61 -0.30 -6.10 20.46
CA LEU B 61 0.61 -5.42 21.37
C LEU B 61 0.52 -6.11 22.74
N PHE B 62 -0.71 -6.28 23.22
CA PHE B 62 -0.97 -6.83 24.55
C PHE B 62 -0.49 -8.28 24.66
N LYS B 63 -0.66 -9.04 23.58
CA LYS B 63 -0.14 -10.39 23.56
C LYS B 63 1.38 -10.37 23.75
N GLN B 65 3.37 -8.05 25.14
CA GLN B 65 3.68 -7.70 26.51
C GLN B 65 3.55 -8.89 27.43
N GLN B 66 2.44 -9.62 27.30
CA GLN B 66 2.15 -10.74 28.18
C GLN B 66 3.05 -11.94 27.86
N SER B 67 3.74 -11.87 26.74
CA SER B 67 4.69 -12.91 26.38
C SER B 67 6.09 -12.53 26.85
N GLY B 68 6.18 -11.38 27.50
CA GLY B 68 7.44 -10.90 28.03
C GLY B 68 8.27 -10.17 27.00
N SER B 69 7.60 -9.57 26.02
CA SER B 69 8.28 -8.80 24.98
C SER B 69 7.81 -7.35 24.98
N GLY B 70 7.35 -6.89 26.14
CA GLY B 70 6.87 -5.52 26.27
C GLY B 70 7.95 -4.48 26.00
N GLN B 71 9.20 -4.86 26.25
CA GLN B 71 10.33 -3.96 26.08
C GLN B 71 10.61 -3.68 24.62
N LYS B 72 9.99 -4.45 23.72
CA LYS B 72 10.21 -4.23 22.29
C LYS B 72 9.39 -3.06 21.75
N GLN B 73 9.79 -2.55 20.60
CA GLN B 73 9.16 -1.38 19.98
C GLN B 73 7.86 -1.72 19.29
N LEU B 74 7.00 -0.71 19.14
CA LEU B 74 5.74 -0.83 18.42
C LEU B 74 5.93 -1.45 17.03
N GLY B 75 7.00 -1.05 16.36
CA GLY B 75 7.26 -1.49 15.01
C GLY B 75 7.52 -2.97 14.88
N ALA B 76 7.78 -3.63 16.01
CA ALA B 76 7.99 -5.07 16.00
C ALA B 76 6.84 -5.81 15.30
N VAL B 77 5.61 -5.38 15.58
CA VAL B 77 4.43 -6.00 14.98
C VAL B 77 3.68 -5.08 14.05
N ARG B 79 1.92 -3.45 10.86
CA ARG B 79 1.22 -3.99 9.70
C ARG B 79 1.25 -2.90 8.62
N PRO B 80 1.28 -3.30 7.33
CA PRO B 80 1.35 -2.27 6.30
C PRO B 80 0.03 -1.52 6.21
N ILE B 81 0.04 -0.27 5.78
CA ILE B 81 -1.22 0.39 5.43
C ILE B 81 -1.14 0.83 3.97
N GLN B 82 -2.21 0.63 3.21
CA GLN B 82 -2.20 0.95 1.79
C GLN B 82 -2.80 2.33 1.55
N VAL B 83 -2.60 2.86 0.33
CA VAL B 83 -3.18 4.15 0.01
C VAL B 83 -4.26 4.04 -1.06
N VAL B 84 -5.22 4.95 -1.03
CA VAL B 84 -6.11 5.14 -2.17
C VAL B 84 -6.03 6.60 -2.63
N LEU B 85 -6.33 6.84 -3.91
CA LEU B 85 -6.18 8.17 -4.50
C LEU B 85 -7.41 9.03 -4.23
N ASN B 86 -7.20 10.32 -4.01
CA ASN B 86 -8.30 11.22 -3.66
C ASN B 86 -9.30 11.44 -4.80
N ASN B 87 -8.87 11.17 -6.03
CA ASN B 87 -9.74 11.33 -7.19
C ASN B 87 -10.44 10.04 -7.63
N THR B 88 -10.18 8.93 -6.93
CA THR B 88 -10.81 7.68 -7.29
C THR B 88 -12.28 7.66 -6.87
N ALA B 89 -13.14 7.26 -7.79
CA ALA B 89 -14.57 7.18 -7.51
C ALA B 89 -14.86 6.19 -6.37
N LEU B 90 -15.76 6.58 -5.47
CA LEU B 90 -16.04 5.78 -4.27
C LEU B 90 -16.30 4.29 -4.56
N PRO B 91 -17.08 3.98 -5.61
CA PRO B 91 -17.29 2.58 -5.98
C PRO B 91 -15.97 1.84 -6.29
N LYS B 92 -15.10 2.48 -7.05
CA LYS B 92 -13.82 1.89 -7.44
C LYS B 92 -12.93 1.70 -6.22
N VAL B 93 -12.95 2.68 -5.33
CA VAL B 93 -12.22 2.58 -4.06
C VAL B 93 -12.71 1.34 -3.30
N PHE B 94 -14.02 1.19 -3.21
CA PHE B 94 -14.65 0.07 -2.49
C PHE B 94 -14.19 -1.25 -3.09
N ASP B 95 -14.32 -1.38 -4.39
CA ASP B 95 -13.79 -2.50 -5.16
C ASP B 95 -12.32 -2.80 -4.85
N GLN B 96 -11.48 -1.78 -4.85
CA GLN B 96 -10.05 -1.96 -4.66
C GLN B 96 -9.69 -2.47 -3.27
N THR B 99 -11.15 -6.11 -3.06
CA THR B 99 -10.24 -6.93 -3.85
C THR B 99 -8.97 -7.29 -3.08
N HIS B 100 -8.44 -6.34 -2.31
CA HIS B 100 -7.25 -6.61 -1.51
C HIS B 100 -7.56 -6.88 -0.03
N ARG B 101 -8.84 -7.04 0.29
CA ARG B 101 -9.25 -7.33 1.67
C ARG B 101 -8.75 -6.31 2.69
N LEU B 102 -8.80 -5.04 2.32
CA LEU B 102 -8.31 -3.98 3.18
C LEU B 102 -9.44 -3.56 4.11
N GLN B 103 -9.12 -3.28 5.37
CA GLN B 103 -10.09 -2.72 6.29
C GLN B 103 -9.90 -1.21 6.44
N LEU B 104 -8.68 -0.76 6.15
CA LEU B 104 -8.22 0.58 6.46
C LEU B 104 -7.38 1.03 5.28
N ALA B 105 -7.33 2.34 5.01
CA ALA B 105 -6.43 2.87 3.97
C ALA B 105 -6.25 4.39 4.08
N LEU B 106 -5.02 4.82 3.81
CA LEU B 106 -4.69 6.23 3.75
C LEU B 106 -5.17 6.78 2.42
N VAL B 107 -5.70 7.99 2.46
CA VAL B 107 -6.04 8.68 1.24
C VAL B 107 -4.94 9.71 0.95
N VAL B 108 -4.50 9.76 -0.30
CA VAL B 108 -3.45 10.67 -0.72
C VAL B 108 -3.92 11.47 -1.92
N ASP B 109 -3.27 12.61 -2.16
CA ASP B 109 -3.47 13.39 -3.37
C ASP B 109 -2.52 12.94 -4.47
N GLU B 110 -2.61 13.59 -5.64
CA GLU B 110 -1.87 13.16 -6.83
C GLU B 110 -0.36 13.20 -6.62
N TYR B 111 0.08 13.84 -5.55
CA TYR B 111 1.50 13.97 -5.27
C TYR B 111 1.97 13.03 -4.15
N GLY B 112 1.03 12.29 -3.55
CA GLY B 112 1.37 11.35 -2.49
C GLY B 112 1.23 11.88 -1.08
N THR B 113 0.65 13.06 -0.92
CA THR B 113 0.52 13.62 0.42
C THR B 113 -0.73 13.07 1.06
N VAL B 114 -0.58 12.56 2.28
CA VAL B 114 -1.67 11.94 3.01
C VAL B 114 -2.72 12.99 3.38
N LEU B 115 -3.95 12.79 2.94
CA LEU B 115 -5.04 13.68 3.30
C LEU B 115 -5.82 13.17 4.53
N GLY B 116 -5.81 11.84 4.73
CA GLY B 116 -6.60 11.25 5.79
C GLY B 116 -6.65 9.73 5.83
N LEU B 117 -7.60 9.19 6.60
CA LEU B 117 -7.73 7.75 6.78
C LEU B 117 -9.18 7.37 6.52
N VAL B 118 -9.38 6.42 5.61
CA VAL B 118 -10.73 5.94 5.32
C VAL B 118 -10.85 4.46 5.70
N THR B 119 -12.00 4.08 6.25
CA THR B 119 -12.28 2.67 6.56
C THR B 119 -13.25 2.06 5.55
N LEU B 120 -13.14 0.75 5.36
CA LEU B 120 -14.02 0.02 4.46
C LEU B 120 -15.44 0.02 5.05
N GLU B 121 -15.51 0.01 6.37
CA GLU B 121 -16.78 0.06 7.08
C GLU B 121 -17.56 1.32 6.72
N ASP B 122 -16.87 2.46 6.64
CA ASP B 122 -17.51 3.73 6.37
C ASP B 122 -17.95 3.85 4.92
N ILE B 123 -17.14 3.32 4.01
CA ILE B 123 -17.47 3.31 2.61
C ILE B 123 -18.66 2.37 2.36
N PHE B 124 -18.58 1.17 2.91
CA PHE B 124 -19.68 0.21 2.86
C PHE B 124 -20.96 0.89 3.31
N GLU B 125 -20.91 1.45 4.52
CA GLU B 125 -22.03 2.16 5.13
C GLU B 125 -22.68 3.10 4.13
N HIS B 126 -21.84 3.80 3.38
CA HIS B 126 -22.27 4.94 2.56
C HIS B 126 -23.05 4.53 1.31
N LEU B 127 -22.61 3.47 0.64
CA LEU B 127 -23.25 3.05 -0.60
C LEU B 127 -24.19 1.86 -0.40
N VAL B 128 -24.26 1.36 0.82
CA VAL B 128 -25.16 0.26 1.15
C VAL B 128 -25.42 0.18 2.66
#